data_3RL4
#
_entry.id   3RL4
#
_cell.length_a   98.060
_cell.length_b   69.385
_cell.length_c   47.234
_cell.angle_alpha   90.000
_cell.angle_beta   102.960
_cell.angle_gamma   90.000
#
_symmetry.space_group_name_H-M   'C 1 2 1'
#
loop_
_entity.id
_entity.type
_entity.pdbx_description
1 polymer 'Metallophosphoesterase MPPED2'
2 non-polymer 'MANGANESE (II) ION'
3 non-polymer 'CHLORIDE ION'
4 non-polymer "GUANOSINE-5'-MONOPHOSPHATE"
5 non-polymer 1,2-ETHANEDIOL
6 water water
#
_entity_poly.entity_id   1
_entity_poly.type   'polypeptide(L)'
_entity_poly.pdbx_seq_one_letter_code
;GAMAHGIPSQGKVTITVDEYSSNPTQAFTHYNINQSRFQPPHVHMVDPIPYDTPKPAGHTRFVCISDTHSRTDGIQMPYG
DILLHTGDFTELGLPSEVKKFNDWLGNLPYEYKIVIAGNHELTFDKEFMADLVKQDYYRFPSVSKLKPEDFDNVQSLLTN
SIYLQDSEVTVKGFRIYGAPWTPWFNGWGFNLPRGQSLLDKWNLIPEGTDILMTHGPPLGFRDWVPKELQRVGCVELLNT
VQRRVRPKLHVFGHIHEGYGTMTDGYTTYINASTCTVSFQPTNPPIIFDLPNPQGS
;
_entity_poly.pdbx_strand_id   A
#
loop_
_chem_comp.id
_chem_comp.type
_chem_comp.name
_chem_comp.formula
5GP non-polymer GUANOSINE-5'-MONOPHOSPHATE 'C10 H14 N5 O8 P'
CL non-polymer 'CHLORIDE ION' 'Cl -1'
EDO non-polymer 1,2-ETHANEDIOL 'C2 H6 O2'
MN non-polymer 'MANGANESE (II) ION' 'Mn 2'
#
# COMPACT_ATOMS: atom_id res chain seq x y z
N VAL A 13 -7.06 23.17 -0.37
CA VAL A 13 -7.32 22.47 -1.67
C VAL A 13 -8.46 21.47 -1.52
N THR A 14 -9.42 21.55 -2.42
CA THR A 14 -10.51 20.59 -2.49
C THR A 14 -10.38 19.71 -3.72
N ILE A 15 -10.27 18.41 -3.48
CA ILE A 15 -10.20 17.47 -4.59
C ILE A 15 -11.62 17.08 -4.98
N THR A 16 -11.91 17.04 -6.29
CA THR A 16 -13.21 16.57 -6.74
C THR A 16 -12.98 15.41 -7.69
N VAL A 17 -14.02 14.63 -7.97
CA VAL A 17 -13.89 13.47 -8.84
C VAL A 17 -13.44 13.93 -10.23
N ASP A 18 -12.42 13.25 -10.77
CA ASP A 18 -11.83 13.59 -12.04
C ASP A 18 -12.75 13.21 -13.17
N GLU A 19 -12.75 14.05 -14.20
CA GLU A 19 -13.45 13.76 -15.43
C GLU A 19 -13.16 12.35 -16.00
N TYR A 20 -11.92 11.88 -15.81
CA TYR A 20 -11.45 10.62 -16.38
C TYR A 20 -11.35 9.52 -15.32
N SER A 21 -11.99 9.74 -14.18
CA SER A 21 -11.92 8.83 -13.02
C SER A 21 -12.20 7.37 -13.38
N SER A 22 -13.22 7.13 -14.18
CA SER A 22 -13.69 5.78 -14.44
C SER A 22 -12.82 5.05 -15.47
N ASN A 23 -11.91 5.77 -16.12
CA ASN A 23 -11.14 5.24 -17.23
C ASN A 23 -9.67 5.61 -17.05
N PRO A 24 -9.00 4.92 -16.13
CA PRO A 24 -7.61 5.27 -15.81
C PRO A 24 -6.64 5.29 -16.99
N THR A 25 -6.80 4.39 -17.96
CA THR A 25 -5.86 4.41 -19.08
C THR A 25 -6.02 5.71 -19.89
N GLN A 26 -7.27 6.09 -20.13
CA GLN A 26 -7.58 7.36 -20.77
C GLN A 26 -7.15 8.55 -19.93
N ALA A 27 -7.31 8.47 -18.61
CA ALA A 27 -6.80 9.53 -17.72
C ALA A 27 -5.30 9.74 -17.87
N PHE A 28 -4.58 8.62 -17.93
CA PHE A 28 -3.12 8.64 -18.07
C PHE A 28 -2.72 9.38 -19.35
N THR A 29 -3.31 8.95 -20.45
CA THR A 29 -3.03 9.57 -21.74
C THR A 29 -3.41 11.04 -21.75
N HIS A 30 -4.57 11.37 -21.17
CA HIS A 30 -5.01 12.74 -21.10
C HIS A 30 -3.99 13.66 -20.44
N TYR A 31 -3.55 13.26 -19.25
CA TYR A 31 -2.65 14.13 -18.49
C TYR A 31 -1.25 14.17 -19.06
N ASN A 32 -0.85 13.12 -19.75
CA ASN A 32 0.40 13.17 -20.48
C ASN A 32 0.30 14.16 -21.65
N ILE A 33 -0.78 14.11 -22.41
CA ILE A 33 -0.94 15.04 -23.55
C ILE A 33 -0.94 16.51 -23.10
N ASN A 34 -1.68 16.81 -22.05
CA ASN A 34 -1.94 18.20 -21.66
C ASN A 34 -0.92 18.79 -20.72
N GLN A 35 -0.27 17.93 -19.95
CA GLN A 35 0.56 18.41 -18.85
C GLN A 35 1.88 17.68 -18.70
N SER A 36 2.12 16.68 -19.55
CA SER A 36 3.33 15.88 -19.45
C SER A 36 3.43 15.27 -18.02
N ARG A 37 2.28 14.88 -17.47
CA ARG A 37 2.18 14.60 -16.03
C ARG A 37 3.02 13.41 -15.58
N PHE A 38 3.23 12.45 -16.49
CA PHE A 38 3.91 11.21 -16.14
C PHE A 38 5.21 11.05 -16.91
N GLN A 39 5.80 12.17 -17.29
CA GLN A 39 6.96 12.14 -18.18
C GLN A 39 8.18 12.83 -17.61
N PRO A 40 9.36 12.54 -18.21
CA PRO A 40 10.58 13.22 -17.79
C PRO A 40 10.55 14.73 -18.04
N PRO A 41 11.46 15.49 -17.41
CA PRO A 41 12.53 15.01 -16.53
C PRO A 41 12.08 14.72 -15.10
N HIS A 42 10.92 15.27 -14.71
CA HIS A 42 10.47 15.21 -13.32
C HIS A 42 9.95 13.85 -12.88
N VAL A 43 9.24 13.16 -13.76
CA VAL A 43 8.77 11.82 -13.43
C VAL A 43 9.72 10.78 -14.01
N HIS A 44 10.31 9.98 -13.13
CA HIS A 44 11.22 8.94 -13.59
C HIS A 44 11.36 7.85 -12.52
N MET A 45 11.88 6.70 -12.95
CA MET A 45 12.23 5.62 -12.06
C MET A 45 13.38 6.02 -11.15
N VAL A 46 13.38 5.45 -9.94
CA VAL A 46 14.46 5.66 -8.98
C VAL A 46 15.05 4.28 -8.71
N ASP A 47 16.35 4.13 -8.92
CA ASP A 47 16.99 2.85 -8.74
C ASP A 47 17.09 2.51 -7.25
N PRO A 48 16.99 1.22 -6.90
CA PRO A 48 17.13 0.85 -5.49
C PRO A 48 18.56 0.96 -5.01
N ILE A 49 18.73 1.10 -3.70
CA ILE A 49 20.08 1.10 -3.12
C ILE A 49 20.29 -0.18 -2.33
N PRO A 50 21.52 -0.70 -2.31
CA PRO A 50 21.81 -1.94 -1.60
C PRO A 50 21.76 -1.77 -0.10
N TYR A 51 21.62 -2.91 0.57
CA TYR A 51 21.36 -2.93 1.98
C TYR A 51 22.55 -2.47 2.84
N ASP A 52 23.75 -2.55 2.27
CA ASP A 52 24.94 -2.07 2.97
C ASP A 52 25.19 -0.56 2.80
N THR A 53 24.29 0.16 2.15
CA THR A 53 24.39 1.62 2.06
C THR A 53 24.35 2.23 3.46
N PRO A 54 25.37 3.04 3.83
CA PRO A 54 25.29 3.66 5.15
C PRO A 54 24.06 4.56 5.28
N LYS A 55 23.38 4.49 6.43
CA LYS A 55 22.26 5.39 6.70
C LYS A 55 22.78 6.64 7.40
N PRO A 56 22.52 7.82 6.85
CA PRO A 56 23.03 9.02 7.52
C PRO A 56 22.28 9.30 8.82
N ALA A 57 22.96 9.97 9.74
CA ALA A 57 22.36 10.30 11.02
C ALA A 57 21.18 11.24 10.88
N GLY A 58 20.26 11.16 11.83
CA GLY A 58 19.05 11.99 11.81
C GLY A 58 18.12 11.61 10.68
N HIS A 59 18.20 10.34 10.25
CA HIS A 59 17.34 9.78 9.22
C HIS A 59 16.78 8.48 9.72
N THR A 60 15.66 8.09 9.12
CA THR A 60 15.03 6.82 9.43
C THR A 60 15.03 6.00 8.15
N ARG A 61 15.52 4.76 8.27
CA ARG A 61 15.48 3.81 7.17
C ARG A 61 14.20 2.99 7.22
N PHE A 62 13.36 3.20 6.23
CA PHE A 62 12.11 2.46 6.08
C PHE A 62 12.35 1.24 5.22
N VAL A 63 11.89 0.08 5.70
CA VAL A 63 11.96 -1.15 4.96
C VAL A 63 10.53 -1.44 4.44
N CYS A 64 10.37 -1.40 3.13
CA CYS A 64 9.07 -1.44 2.48
C CYS A 64 8.81 -2.79 1.84
N ILE A 65 7.73 -3.43 2.26
CA ILE A 65 7.29 -4.72 1.71
C ILE A 65 5.77 -4.67 1.55
N SER A 66 5.22 -5.65 0.83
CA SER A 66 3.78 -5.69 0.62
C SER A 66 3.48 -7.03 -0.04
N ASP A 67 2.22 -7.46 0.00
CA ASP A 67 1.81 -8.59 -0.84
C ASP A 67 2.73 -9.78 -0.60
N THR A 68 2.95 -10.07 0.68
CA THR A 68 3.72 -11.26 1.07
C THR A 68 2.87 -12.51 0.96
N HIS A 69 1.54 -12.36 1.10
CA HIS A 69 0.60 -13.45 0.78
C HIS A 69 0.93 -14.75 1.54
N SER A 70 1.33 -14.62 2.80
CA SER A 70 1.65 -15.74 3.68
C SER A 70 2.93 -16.48 3.30
N ARG A 71 3.73 -15.89 2.41
CA ARG A 71 4.95 -16.53 1.92
C ARG A 71 6.21 -15.87 2.50
N THR A 72 6.27 -15.81 3.82
CA THR A 72 7.31 -15.05 4.54
C THR A 72 8.55 -15.86 4.93
N ASP A 73 8.43 -17.18 4.97
CA ASP A 73 9.55 -18.06 5.31
C ASP A 73 10.59 -17.83 4.24
N GLY A 74 11.80 -17.43 4.61
CA GLY A 74 12.83 -17.25 3.58
C GLY A 74 12.94 -15.88 2.89
N ILE A 75 12.10 -14.91 3.25
CA ILE A 75 12.39 -13.54 2.81
C ILE A 75 13.61 -13.04 3.57
N GLN A 76 14.58 -12.52 2.84
CA GLN A 76 15.81 -12.01 3.46
C GLN A 76 15.67 -10.53 3.79
N MET A 77 15.56 -10.24 5.08
CA MET A 77 15.15 -8.89 5.55
C MET A 77 16.37 -8.04 5.88
N PRO A 78 16.42 -6.82 5.34
CA PRO A 78 17.59 -5.96 5.55
C PRO A 78 17.62 -5.18 6.86
N TYR A 79 18.80 -4.67 7.19
CA TYR A 79 18.93 -3.67 8.21
C TYR A 79 17.99 -2.49 7.94
N GLY A 80 17.33 -2.01 8.98
CA GLY A 80 16.54 -0.78 8.87
C GLY A 80 15.95 -0.43 10.21
N ASP A 81 15.13 0.60 10.21
CA ASP A 81 14.55 1.14 11.44
C ASP A 81 13.06 0.82 11.60
N ILE A 82 12.30 1.01 10.52
CA ILE A 82 10.83 0.87 10.58
C ILE A 82 10.37 0.07 9.39
N LEU A 83 9.57 -0.98 9.64
CA LEU A 83 8.98 -1.78 8.58
C LEU A 83 7.62 -1.20 8.19
N LEU A 84 7.39 -1.05 6.89
CA LEU A 84 6.08 -0.67 6.37
C LEU A 84 5.59 -1.83 5.49
N HIS A 85 4.40 -2.36 5.81
CA HIS A 85 3.82 -3.45 5.02
C HIS A 85 2.48 -2.98 4.50
N THR A 86 2.34 -2.92 3.18
CA THR A 86 1.14 -2.28 2.60
C THR A 86 0.06 -3.27 2.14
N GLY A 87 -0.05 -4.40 2.84
CA GLY A 87 -1.29 -5.21 2.78
C GLY A 87 -1.13 -6.48 1.97
N ASP A 88 -2.21 -7.27 1.92
CA ASP A 88 -2.14 -8.64 1.35
C ASP A 88 -1.05 -9.44 2.07
N PHE A 89 -1.09 -9.39 3.40
CA PHE A 89 -0.22 -10.24 4.21
C PHE A 89 -0.80 -11.64 4.44
N THR A 90 -1.97 -11.92 3.87
CA THR A 90 -2.56 -13.26 3.95
C THR A 90 -3.13 -13.60 2.57
N GLU A 91 -3.68 -14.80 2.44
CA GLU A 91 -4.41 -15.19 1.23
C GLU A 91 -5.92 -14.99 1.35
N LEU A 92 -6.46 -15.17 2.56
CA LEU A 92 -7.91 -15.12 2.77
C LEU A 92 -8.25 -14.39 4.05
N GLY A 93 -7.26 -13.93 4.78
CA GLY A 93 -7.52 -13.31 6.08
C GLY A 93 -7.87 -14.33 7.16
N LEU A 94 -7.57 -15.60 6.95
CA LEU A 94 -7.87 -16.57 8.01
C LEU A 94 -7.10 -16.21 9.28
N PRO A 95 -7.75 -16.28 10.46
CA PRO A 95 -7.04 -15.94 11.69
C PRO A 95 -5.69 -16.64 11.84
N SER A 96 -5.59 -17.90 11.44
CA SER A 96 -4.30 -18.61 11.51
C SER A 96 -3.23 -17.95 10.63
N GLU A 97 -3.62 -17.41 9.47
CA GLU A 97 -2.67 -16.70 8.61
C GLU A 97 -2.22 -15.40 9.27
N VAL A 98 -3.14 -14.73 9.96
CA VAL A 98 -2.79 -13.49 10.66
C VAL A 98 -1.80 -13.79 11.77
N LYS A 99 -2.05 -14.88 12.51
CA LYS A 99 -1.16 -15.31 13.57
C LYS A 99 0.24 -15.62 13.06
N LYS A 100 0.31 -16.36 11.94
CA LYS A 100 1.61 -16.70 11.36
C LYS A 100 2.37 -15.44 10.96
N PHE A 101 1.69 -14.50 10.31
CA PHE A 101 2.31 -13.24 9.92
C PHE A 101 2.79 -12.48 11.14
N ASN A 102 1.96 -12.41 12.18
CA ASN A 102 2.36 -11.73 13.39
C ASN A 102 3.58 -12.37 14.06
N ASP A 103 3.64 -13.70 14.03
CA ASP A 103 4.79 -14.45 14.55
C ASP A 103 6.07 -14.05 13.79
N TRP A 104 5.96 -13.95 12.47
CA TRP A 104 7.07 -13.52 11.64
C TRP A 104 7.51 -12.10 12.01
N LEU A 105 6.54 -11.19 12.17
CA LEU A 105 6.89 -9.82 12.51
C LEU A 105 7.65 -9.73 13.83
N GLY A 106 7.25 -10.55 14.80
CA GLY A 106 7.85 -10.52 16.14
C GLY A 106 9.32 -10.86 16.14
N ASN A 107 9.78 -11.57 15.10
CA ASN A 107 11.18 -11.97 15.02
C ASN A 107 12.03 -11.02 14.21
N LEU A 108 11.43 -9.94 13.73
CA LEU A 108 12.16 -8.92 12.98
C LEU A 108 12.70 -7.86 13.93
N PRO A 109 13.90 -7.34 13.67
CA PRO A 109 14.50 -6.46 14.69
C PRO A 109 13.98 -5.01 14.75
N TYR A 110 13.22 -4.61 13.75
CA TYR A 110 12.81 -3.21 13.55
C TYR A 110 12.12 -2.65 14.78
N GLU A 111 12.40 -1.39 15.06
CA GLU A 111 11.82 -0.72 16.23
C GLU A 111 10.29 -0.64 16.13
N TYR A 112 9.80 -0.35 14.91
CA TYR A 112 8.37 -0.27 14.67
C TYR A 112 8.03 -1.03 13.41
N LYS A 113 6.87 -1.67 13.41
CA LYS A 113 6.34 -2.36 12.24
C LYS A 113 4.93 -1.82 12.01
N ILE A 114 4.71 -1.23 10.84
CA ILE A 114 3.42 -0.60 10.53
C ILE A 114 2.76 -1.37 9.41
N VAL A 115 1.49 -1.73 9.59
CA VAL A 115 0.81 -2.65 8.69
C VAL A 115 -0.56 -2.08 8.32
N ILE A 116 -0.93 -2.19 7.04
CA ILE A 116 -2.33 -2.02 6.62
C ILE A 116 -2.81 -3.33 6.00
N ALA A 117 -4.13 -3.44 5.86
CA ALA A 117 -4.75 -4.55 5.13
C ALA A 117 -4.75 -4.29 3.63
N GLY A 118 -4.89 -5.38 2.88
CA GLY A 118 -5.26 -5.32 1.48
C GLY A 118 -6.52 -6.12 1.19
N ASN A 119 -6.75 -6.36 -0.09
CA ASN A 119 -8.00 -6.99 -0.52
C ASN A 119 -8.12 -8.45 -0.10
N HIS A 120 -6.99 -9.11 0.17
CA HIS A 120 -7.06 -10.50 0.64
C HIS A 120 -7.41 -10.66 2.10
N GLU A 121 -7.40 -9.57 2.86
CA GLU A 121 -7.68 -9.65 4.29
C GLU A 121 -9.18 -9.58 4.51
N LEU A 122 -9.89 -10.62 4.04
CA LEU A 122 -11.34 -10.60 3.96
C LEU A 122 -11.98 -10.38 5.32
N THR A 123 -11.42 -11.03 6.33
CA THR A 123 -11.94 -10.98 7.70
C THR A 123 -11.80 -9.62 8.37
N PHE A 124 -10.98 -8.73 7.80
CA PHE A 124 -10.80 -7.39 8.32
C PHE A 124 -11.86 -6.47 7.79
N ASP A 125 -12.54 -6.87 6.70
CA ASP A 125 -13.54 -6.03 6.06
C ASP A 125 -14.88 -6.49 6.59
N LYS A 126 -15.40 -5.72 7.54
CA LYS A 126 -16.54 -6.16 8.32
C LYS A 126 -17.81 -6.17 7.50
N GLU A 127 -17.87 -5.28 6.50
CA GLU A 127 -19.01 -5.27 5.56
C GLU A 127 -18.99 -6.49 4.65
N PHE A 128 -17.80 -6.88 4.19
CA PHE A 128 -17.65 -8.10 3.40
C PHE A 128 -18.12 -9.32 4.21
N MET A 129 -17.67 -9.40 5.46
CA MET A 129 -18.03 -10.53 6.33
C MET A 129 -19.52 -10.53 6.70
N ALA A 130 -20.08 -9.35 6.95
CA ALA A 130 -21.51 -9.22 7.29
C ALA A 130 -22.39 -9.59 6.11
N ASP A 131 -21.89 -9.37 4.89
CA ASP A 131 -22.64 -9.68 3.67
C ASP A 131 -22.56 -11.14 3.27
N LEU A 132 -21.65 -11.87 3.92
CA LEU A 132 -21.39 -13.27 3.58
C LEU A 132 -22.53 -14.16 4.07
N VAL A 133 -23.47 -14.41 3.18
CA VAL A 133 -24.65 -15.25 3.40
C VAL A 133 -25.60 -15.16 2.19
N PHE A 140 -17.07 -18.89 -1.16
CA PHE A 140 -16.03 -18.63 -0.18
C PHE A 140 -16.02 -19.75 0.86
N PRO A 141 -15.68 -20.98 0.43
CA PRO A 141 -15.88 -22.14 1.32
C PRO A 141 -15.08 -22.11 2.62
N SER A 142 -13.82 -21.66 2.58
CA SER A 142 -12.99 -21.60 3.79
C SER A 142 -13.37 -20.48 4.75
N VAL A 143 -13.67 -19.31 4.20
CA VAL A 143 -13.99 -18.13 4.98
C VAL A 143 -15.44 -18.17 5.53
N SER A 144 -16.33 -18.80 4.77
CA SER A 144 -17.73 -18.93 5.18
C SER A 144 -17.92 -19.85 6.39
N LYS A 145 -16.95 -20.74 6.63
CA LYS A 145 -16.96 -21.64 7.78
C LYS A 145 -16.73 -20.92 9.11
N LEU A 146 -16.10 -19.75 9.06
CA LEU A 146 -15.77 -18.99 10.27
C LEU A 146 -17.00 -18.48 10.99
N LYS A 147 -17.04 -18.74 12.30
CA LYS A 147 -18.06 -18.19 13.17
C LYS A 147 -17.64 -16.77 13.60
N PRO A 148 -18.61 -15.91 13.95
CA PRO A 148 -18.28 -14.54 14.40
C PRO A 148 -17.16 -14.47 15.44
N GLU A 149 -17.15 -15.38 16.41
CA GLU A 149 -16.12 -15.40 17.46
C GLU A 149 -14.72 -15.69 16.92
N ASP A 150 -14.64 -16.28 15.74
CA ASP A 150 -13.35 -16.61 15.14
C ASP A 150 -12.60 -15.38 14.62
N PHE A 151 -13.35 -14.34 14.25
CA PHE A 151 -12.73 -13.19 13.57
C PHE A 151 -13.10 -11.84 14.12
N ASP A 152 -13.76 -11.81 15.28
CA ASP A 152 -14.05 -10.55 15.95
C ASP A 152 -12.78 -9.83 16.41
N ASN A 153 -11.69 -10.59 16.59
CA ASN A 153 -10.38 -10.04 17.01
C ASN A 153 -9.20 -10.18 16.02
N VAL A 154 -9.46 -10.26 14.72
CA VAL A 154 -8.35 -10.45 13.82
C VAL A 154 -7.35 -9.32 13.92
N GLN A 155 -7.78 -8.06 13.95
CA GLN A 155 -6.72 -7.04 13.97
C GLN A 155 -5.92 -7.07 15.28
N SER A 156 -6.57 -7.48 16.36
CA SER A 156 -5.89 -7.65 17.63
C SER A 156 -4.82 -8.76 17.64
N LEU A 157 -4.87 -9.66 16.65
CA LEU A 157 -3.86 -10.69 16.52
C LEU A 157 -2.51 -10.11 16.10
N LEU A 158 -2.53 -8.89 15.54
CA LEU A 158 -1.31 -8.23 15.08
C LEU A 158 -0.55 -7.52 16.20
N THR A 159 -0.23 -8.26 17.26
CA THR A 159 0.33 -7.67 18.48
C THR A 159 1.73 -7.09 18.28
N ASN A 160 2.43 -7.52 17.24
CA ASN A 160 3.81 -7.07 16.98
C ASN A 160 3.85 -5.92 15.97
N SER A 161 2.69 -5.30 15.70
CA SER A 161 2.59 -4.22 14.72
C SER A 161 1.75 -3.06 15.25
N ILE A 162 1.85 -1.94 14.56
CA ILE A 162 0.86 -0.88 14.61
C ILE A 162 0.00 -1.04 13.36
N TYR A 163 -1.26 -1.39 13.55
CA TYR A 163 -2.18 -1.61 12.44
C TYR A 163 -2.95 -0.34 12.14
N LEU A 164 -2.92 0.10 10.89
CA LEU A 164 -3.63 1.31 10.43
C LEU A 164 -4.77 0.93 9.50
N GLN A 165 -5.90 1.61 9.66
CA GLN A 165 -7.03 1.41 8.76
C GLN A 165 -7.83 2.70 8.74
N ASP A 166 -7.67 3.48 7.68
CA ASP A 166 -8.17 4.86 7.65
C ASP A 166 -7.73 5.57 8.93
N SER A 167 -6.46 5.42 9.29
CA SER A 167 -5.97 5.95 10.55
C SER A 167 -4.48 6.20 10.47
N GLU A 168 -3.94 6.85 11.49
CA GLU A 168 -2.57 7.35 11.45
C GLU A 168 -1.83 7.09 12.73
N VAL A 169 -0.51 7.22 12.63
CA VAL A 169 0.36 7.16 13.79
C VAL A 169 1.50 8.14 13.57
N THR A 170 1.96 8.77 14.65
CA THR A 170 3.15 9.60 14.59
C THR A 170 4.25 8.83 15.29
N VAL A 171 5.30 8.53 14.53
CA VAL A 171 6.44 7.77 15.04
C VAL A 171 7.74 8.49 14.66
N LYS A 172 8.58 8.76 15.65
CA LYS A 172 9.83 9.52 15.40
C LYS A 172 9.53 10.85 14.70
N GLY A 173 8.36 11.42 14.98
CA GLY A 173 7.93 12.65 14.34
C GLY A 173 7.30 12.50 12.96
N PHE A 174 7.40 11.31 12.35
CA PHE A 174 6.80 11.07 11.05
C PHE A 174 5.30 10.83 11.19
N ARG A 175 4.53 11.54 10.39
CA ARG A 175 3.09 11.31 10.33
C ARG A 175 2.80 10.29 9.25
N ILE A 176 2.33 9.13 9.68
CA ILE A 176 2.09 8.00 8.78
C ILE A 176 0.61 7.65 8.77
N TYR A 177 0.00 7.67 7.59
CA TYR A 177 -1.43 7.39 7.45
C TYR A 177 -1.59 6.17 6.55
N GLY A 178 -2.51 5.27 6.91
CA GLY A 178 -2.73 4.05 6.13
C GLY A 178 -4.17 3.72 5.86
N ALA A 179 -4.44 3.17 4.67
CA ALA A 179 -5.78 2.78 4.28
C ALA A 179 -5.76 1.66 3.27
N PRO A 180 -6.70 0.71 3.38
CA PRO A 180 -6.70 -0.51 2.54
C PRO A 180 -7.43 -0.48 1.20
N TRP A 181 -8.21 0.56 0.93
CA TRP A 181 -9.18 0.55 -0.15
C TRP A 181 -8.54 0.54 -1.52
N THR A 182 -9.16 -0.20 -2.45
CA THR A 182 -8.73 -0.19 -3.83
C THR A 182 -9.94 -0.13 -4.75
N PRO A 183 -9.72 0.36 -5.99
CA PRO A 183 -10.77 0.28 -7.01
C PRO A 183 -11.31 -1.13 -7.16
N TRP A 184 -12.62 -1.24 -7.26
CA TRP A 184 -13.33 -2.53 -7.35
C TRP A 184 -12.73 -3.38 -8.46
N PHE A 185 -12.44 -4.62 -8.11
CA PHE A 185 -11.94 -5.57 -9.07
C PHE A 185 -12.82 -6.85 -9.06
N ASN A 186 -13.00 -7.45 -7.89
CA ASN A 186 -13.74 -8.73 -7.78
C ASN A 186 -14.59 -8.81 -6.53
N GLY A 187 -14.71 -7.71 -5.82
CA GLY A 187 -15.58 -7.64 -4.64
C GLY A 187 -14.95 -8.29 -3.42
N TRP A 188 -13.63 -8.41 -3.43
CA TRP A 188 -12.95 -8.90 -2.25
C TRP A 188 -12.79 -7.76 -1.25
N GLY A 189 -11.81 -7.83 -0.38
CA GLY A 189 -11.79 -6.91 0.74
C GLY A 189 -11.53 -5.49 0.31
N PHE A 190 -12.26 -4.57 0.93
CA PHE A 190 -12.00 -3.13 0.79
C PHE A 190 -12.01 -2.66 -0.67
N ASN A 191 -12.85 -3.29 -1.49
CA ASN A 191 -13.09 -2.90 -2.88
C ASN A 191 -14.17 -1.83 -2.92
N LEU A 192 -13.92 -0.72 -3.60
CA LEU A 192 -14.96 0.33 -3.77
C LEU A 192 -15.01 0.78 -5.21
N PRO A 193 -16.19 1.22 -5.67
CA PRO A 193 -16.26 1.78 -7.02
C PRO A 193 -15.38 3.01 -7.18
N ARG A 194 -14.84 3.18 -8.37
CA ARG A 194 -14.11 4.39 -8.68
C ARG A 194 -14.98 5.63 -8.52
N GLY A 195 -14.33 6.74 -8.20
CA GLY A 195 -15.01 8.03 -8.09
C GLY A 195 -15.25 8.41 -6.66
N GLN A 196 -16.46 8.91 -6.38
CA GLN A 196 -16.73 9.48 -5.07
C GLN A 196 -16.56 8.49 -3.92
N SER A 197 -16.88 7.21 -4.15
CA SER A 197 -16.73 6.23 -3.07
C SER A 197 -15.30 6.19 -2.54
N LEU A 198 -14.33 6.18 -3.45
CA LEU A 198 -12.92 6.20 -3.06
C LEU A 198 -12.48 7.59 -2.58
N LEU A 199 -12.92 8.65 -3.25
CA LEU A 199 -12.58 9.99 -2.80
C LEU A 199 -13.02 10.24 -1.36
N ASP A 200 -14.16 9.68 -0.97
CA ASP A 200 -14.61 9.84 0.43
C ASP A 200 -13.57 9.27 1.40
N LYS A 201 -12.87 8.21 0.99
CA LYS A 201 -11.79 7.65 1.81
C LYS A 201 -10.52 8.48 1.75
N TRP A 202 -10.18 8.97 0.56
CA TRP A 202 -8.94 9.74 0.43
C TRP A 202 -9.05 11.10 1.09
N ASN A 203 -10.26 11.62 1.18
CA ASN A 203 -10.50 12.88 1.87
C ASN A 203 -10.18 12.80 3.36
N LEU A 204 -10.07 11.58 3.90
CA LEU A 204 -9.69 11.38 5.30
C LEU A 204 -8.18 11.52 5.53
N ILE A 205 -7.38 11.45 4.46
CA ILE A 205 -5.93 11.58 4.63
C ILE A 205 -5.59 13.01 5.05
N PRO A 206 -4.94 13.22 6.19
CA PRO A 206 -4.65 14.58 6.62
C PRO A 206 -3.56 15.28 5.80
N GLU A 207 -3.73 16.59 5.61
CA GLU A 207 -2.81 17.43 4.85
C GLU A 207 -1.31 17.20 5.06
N GLY A 208 -0.86 17.21 6.31
CA GLY A 208 0.56 17.07 6.71
C GLY A 208 1.13 15.65 6.89
N THR A 209 0.43 14.67 6.35
CA THR A 209 0.95 13.30 6.28
C THR A 209 2.32 13.26 5.58
N ASP A 210 3.29 12.65 6.23
CA ASP A 210 4.62 12.46 5.63
C ASP A 210 4.74 11.21 4.78
N ILE A 211 4.13 10.12 5.25
CA ILE A 211 4.18 8.84 4.59
C ILE A 211 2.75 8.32 4.47
N LEU A 212 2.31 8.11 3.24
CA LEU A 212 1.01 7.55 2.97
C LEU A 212 1.17 6.09 2.59
N MET A 213 0.47 5.19 3.27
CA MET A 213 0.39 3.77 2.91
C MET A 213 -1.00 3.46 2.38
N THR A 214 -1.11 3.01 1.14
CA THR A 214 -2.39 2.52 0.63
C THR A 214 -2.14 1.13 0.08
N HIS A 215 -3.16 0.28 -0.03
CA HIS A 215 -2.85 -1.03 -0.55
C HIS A 215 -2.47 -0.96 -2.02
N GLY A 216 -3.13 -0.09 -2.77
CA GLY A 216 -2.89 0.01 -4.21
C GLY A 216 -2.35 1.34 -4.70
N PRO A 217 -1.98 1.38 -5.97
CA PRO A 217 -1.32 2.56 -6.53
C PRO A 217 -2.23 3.72 -6.90
N PRO A 218 -1.63 4.91 -6.98
CA PRO A 218 -2.31 6.03 -7.63
C PRO A 218 -2.13 5.87 -9.15
N LEU A 219 -3.01 6.49 -9.92
CA LEU A 219 -2.92 6.49 -11.37
C LEU A 219 -1.51 6.87 -11.82
N GLY A 220 -0.93 6.05 -12.71
CA GLY A 220 0.27 6.45 -13.42
C GLY A 220 1.59 6.08 -12.75
N PHE A 221 1.54 5.62 -11.50
CA PHE A 221 2.75 5.26 -10.77
C PHE A 221 2.73 3.79 -10.39
N ARG A 222 3.39 2.98 -11.20
CA ARG A 222 3.56 1.55 -10.92
C ARG A 222 2.25 0.78 -10.88
N ASP A 223 1.35 1.15 -11.79
CA ASP A 223 -0.02 0.62 -11.83
C ASP A 223 -0.39 -0.01 -13.18
N TRP A 224 0.62 -0.40 -13.96
CA TRP A 224 0.35 -1.00 -15.27
C TRP A 224 0.14 -2.51 -15.13
N VAL A 225 -0.97 -2.99 -15.70
CA VAL A 225 -1.30 -4.42 -15.67
C VAL A 225 -1.11 -4.98 -17.08
N PRO A 226 0.02 -5.68 -17.34
CA PRO A 226 0.28 -6.21 -18.67
C PRO A 226 -0.82 -7.08 -19.27
N LYS A 227 -1.51 -7.88 -18.46
CA LYS A 227 -2.51 -8.83 -18.99
C LYS A 227 -3.70 -8.13 -19.64
N GLU A 228 -4.09 -6.98 -19.09
CA GLU A 228 -5.19 -6.21 -19.64
C GLU A 228 -4.75 -5.02 -20.48
N LEU A 229 -3.45 -4.76 -20.53
CA LEU A 229 -2.90 -3.55 -21.17
C LEU A 229 -3.65 -2.29 -20.70
N GLN A 230 -3.73 -2.16 -19.37
CA GLN A 230 -4.44 -1.03 -18.77
C GLN A 230 -3.70 -0.52 -17.55
N ARG A 231 -3.78 0.79 -17.34
CA ARG A 231 -3.49 1.40 -16.04
C ARG A 231 -4.65 1.13 -15.10
N VAL A 232 -4.37 0.87 -13.83
CA VAL A 232 -5.46 0.57 -12.91
C VAL A 232 -5.37 1.37 -11.61
N GLY A 233 -4.42 2.28 -11.49
CA GLY A 233 -4.34 3.11 -10.28
C GLY A 233 -5.54 4.01 -10.11
N CYS A 234 -5.76 4.49 -8.89
CA CYS A 234 -6.89 5.35 -8.58
C CYS A 234 -6.59 6.80 -8.96
N VAL A 235 -7.45 7.39 -9.77
CA VAL A 235 -7.25 8.76 -10.22
C VAL A 235 -7.47 9.77 -9.08
N GLU A 236 -8.42 9.47 -8.22
CA GLU A 236 -8.72 10.32 -7.06
C GLU A 236 -7.57 10.28 -6.05
N LEU A 237 -6.96 9.11 -5.90
CA LEU A 237 -5.78 8.99 -5.05
C LEU A 237 -4.61 9.81 -5.61
N LEU A 238 -4.34 9.71 -6.92
CA LEU A 238 -3.28 10.51 -7.52
C LEU A 238 -3.51 12.01 -7.29
N ASN A 239 -4.72 12.49 -7.56
CA ASN A 239 -4.99 13.92 -7.41
C ASN A 239 -4.85 14.33 -5.94
N THR A 240 -5.27 13.46 -5.02
CA THR A 240 -5.14 13.75 -3.60
C THR A 240 -3.67 13.85 -3.19
N VAL A 241 -2.85 12.91 -3.67
CA VAL A 241 -1.46 12.87 -3.29
C VAL A 241 -0.72 14.08 -3.86
N GLN A 242 -0.91 14.38 -5.15
CA GLN A 242 -0.11 15.43 -5.78
C GLN A 242 -0.59 16.84 -5.50
N ARG A 243 -1.90 16.99 -5.34
CA ARG A 243 -2.51 18.34 -5.25
C ARG A 243 -2.88 18.80 -3.84
N ARG A 244 -3.14 17.86 -2.93
CA ARG A 244 -3.62 18.23 -1.60
C ARG A 244 -2.64 17.84 -0.49
N VAL A 245 -2.26 16.56 -0.44
CA VAL A 245 -1.51 16.05 0.71
C VAL A 245 0.01 16.21 0.53
N ARG A 246 0.54 15.80 -0.64
CA ARG A 246 1.96 15.92 -0.95
C ARG A 246 2.83 15.30 0.15
N PRO A 247 2.67 14.00 0.38
CA PRO A 247 3.53 13.33 1.33
C PRO A 247 4.91 13.18 0.68
N LYS A 248 5.94 12.95 1.49
CA LYS A 248 7.25 12.66 0.91
C LYS A 248 7.31 11.25 0.30
N LEU A 249 6.55 10.31 0.86
CA LEU A 249 6.54 8.93 0.43
C LEU A 249 5.13 8.42 0.34
N HIS A 250 4.81 7.80 -0.78
CA HIS A 250 3.58 7.04 -0.95
C HIS A 250 4.01 5.63 -1.27
N VAL A 251 3.74 4.71 -0.34
CA VAL A 251 4.07 3.30 -0.47
C VAL A 251 2.80 2.47 -0.59
N PHE A 252 2.86 1.45 -1.44
CA PHE A 252 1.68 0.63 -1.78
C PHE A 252 2.17 -0.64 -2.46
N GLY A 253 1.24 -1.53 -2.78
CA GLY A 253 1.58 -2.71 -3.59
C GLY A 253 0.41 -2.99 -4.51
N HIS A 254 -0.24 -4.13 -4.30
CA HIS A 254 -1.46 -4.58 -4.99
C HIS A 254 -1.23 -5.04 -6.42
N ILE A 255 -0.62 -4.16 -7.21
CA ILE A 255 -0.25 -4.52 -8.58
C ILE A 255 1.15 -5.08 -8.54
N HIS A 256 1.23 -6.40 -8.41
CA HIS A 256 2.53 -7.05 -8.12
C HIS A 256 3.56 -6.73 -9.18
N GLU A 257 3.10 -6.65 -10.43
CA GLU A 257 3.92 -6.41 -11.62
C GLU A 257 4.62 -5.06 -11.55
N GLY A 258 4.07 -4.16 -10.75
CA GLY A 258 4.59 -2.81 -10.65
C GLY A 258 5.71 -2.62 -9.63
N TYR A 259 6.14 -3.70 -8.96
CA TYR A 259 7.25 -3.60 -8.00
C TYR A 259 8.33 -2.64 -8.51
N GLY A 260 8.74 -1.69 -7.68
CA GLY A 260 9.74 -0.69 -8.05
C GLY A 260 9.33 0.70 -7.63
N THR A 261 10.18 1.68 -7.93
CA THR A 261 10.05 3.01 -7.35
C THR A 261 10.14 4.10 -8.40
N MET A 262 9.33 5.14 -8.23
CA MET A 262 9.35 6.32 -9.06
C MET A 262 9.35 7.58 -8.21
N THR A 263 9.58 8.73 -8.84
CA THR A 263 9.38 10.00 -8.20
C THR A 263 8.67 10.92 -9.19
N ASP A 264 7.97 11.90 -8.64
CA ASP A 264 7.43 12.99 -9.45
C ASP A 264 8.18 14.30 -9.23
N GLY A 265 9.32 14.22 -8.54
CA GLY A 265 10.11 15.40 -8.24
C GLY A 265 9.90 15.89 -6.83
N TYR A 266 8.86 15.40 -6.15
CA TYR A 266 8.63 15.72 -4.76
C TYR A 266 8.32 14.47 -3.94
N THR A 267 7.28 13.76 -4.35
CA THR A 267 6.87 12.52 -3.70
C THR A 267 7.62 11.36 -4.35
N THR A 268 8.06 10.42 -3.51
CA THR A 268 8.57 9.13 -3.97
C THR A 268 7.45 8.10 -3.84
N TYR A 269 7.25 7.32 -4.90
CA TYR A 269 6.21 6.30 -4.97
C TYR A 269 6.89 4.94 -5.00
N ILE A 270 6.64 4.11 -3.99
CA ILE A 270 7.25 2.79 -3.89
C ILE A 270 6.16 1.74 -3.99
N ASN A 271 6.21 0.94 -5.06
CA ASN A 271 5.40 -0.25 -5.15
C ASN A 271 6.26 -1.35 -4.56
N ALA A 272 5.88 -1.82 -3.38
CA ALA A 272 6.70 -2.71 -2.57
C ALA A 272 6.32 -4.18 -2.70
N SER A 273 5.53 -4.54 -3.71
CA SER A 273 5.04 -5.90 -3.83
C SER A 273 6.15 -6.94 -3.78
N THR A 274 6.13 -7.78 -2.76
CA THR A 274 7.14 -8.81 -2.54
C THR A 274 6.92 -9.99 -3.49
N CYS A 275 5.65 -10.36 -3.69
CA CYS A 275 5.31 -11.40 -4.63
C CYS A 275 5.21 -10.84 -6.04
N THR A 276 5.58 -11.69 -7.00
CA THR A 276 5.37 -11.40 -8.41
C THR A 276 3.90 -11.70 -8.77
N VAL A 277 3.52 -11.43 -10.01
CA VAL A 277 2.17 -11.74 -10.46
C VAL A 277 1.80 -13.24 -10.34
N SER A 278 2.81 -14.10 -10.31
CA SER A 278 2.59 -15.54 -10.08
C SER A 278 2.77 -15.93 -8.61
N PHE A 279 2.76 -14.93 -7.73
CA PHE A 279 2.74 -15.15 -6.28
C PHE A 279 4.04 -15.80 -5.74
N GLN A 280 5.16 -15.51 -6.40
CA GLN A 280 6.49 -15.93 -5.95
C GLN A 280 7.12 -14.77 -5.16
N PRO A 281 7.50 -15.02 -3.89
CA PRO A 281 7.97 -13.95 -2.99
C PRO A 281 9.43 -13.54 -3.20
N THR A 282 9.76 -13.19 -4.43
CA THR A 282 11.15 -13.01 -4.82
C THR A 282 11.61 -11.57 -5.04
N ASN A 283 10.70 -10.60 -4.95
CA ASN A 283 11.12 -9.20 -5.09
C ASN A 283 11.73 -8.77 -3.76
N PRO A 284 12.98 -8.27 -3.78
CA PRO A 284 13.62 -7.88 -2.52
C PRO A 284 12.96 -6.71 -1.80
N PRO A 285 12.93 -6.74 -0.46
CA PRO A 285 12.48 -5.55 0.27
C PRO A 285 13.19 -4.26 -0.18
N ILE A 286 12.46 -3.16 -0.23
CA ILE A 286 12.99 -1.89 -0.69
C ILE A 286 13.31 -1.01 0.52
N ILE A 287 14.56 -0.55 0.62
CA ILE A 287 14.91 0.41 1.68
C ILE A 287 14.84 1.83 1.17
N PHE A 288 14.41 2.73 2.05
CA PHE A 288 14.28 4.12 1.69
C PHE A 288 14.51 4.98 2.93
N ASP A 289 15.42 5.94 2.83
CA ASP A 289 15.78 6.80 3.96
C ASP A 289 15.08 8.15 3.84
N LEU A 290 14.55 8.64 4.95
CA LEU A 290 14.00 10.00 5.02
C LEU A 290 14.59 10.73 6.20
N PRO A 291 14.80 12.06 6.07
CA PRO A 291 15.26 12.81 7.21
C PRO A 291 14.18 12.92 8.27
N ASN A 292 14.58 12.81 9.54
CA ASN A 292 13.64 12.93 10.63
C ASN A 292 13.04 14.33 10.69
N PRO A 293 11.71 14.46 10.87
CA PRO A 293 11.09 15.76 11.13
C PRO A 293 11.45 16.28 12.51
MN MN B . -1.50 -9.04 -3.65
MN MN C . -4.07 -6.83 -3.56
MN MN D . -12.84 -14.06 19.02
MN MN E . 13.42 5.17 19.83
MN MN F . 19.60 3.88 -13.85
MN MN G . 6.35 16.86 7.57
MN MN H . 4.19 16.79 7.67
MN MN I . 1.10 17.88 3.05
CL CL J . 4.67 2.50 -14.20
P 5GP K . -4.25 -9.47 -5.52
O1P 5GP K . -4.93 -8.33 -4.87
O2P 5GP K . -3.02 -10.10 -4.67
O3P 5GP K . -5.25 -10.65 -5.74
O5' 5GP K . -3.67 -9.02 -6.95
C5' 5GP K . -2.96 -9.96 -7.79
C4' 5GP K . -2.89 -9.45 -9.22
O4' 5GP K . -4.24 -9.24 -9.66
C3' 5GP K . -2.25 -8.08 -9.42
O3' 5GP K . -0.81 -8.19 -9.41
C2' 5GP K . -2.80 -7.71 -10.79
O2' 5GP K . -2.15 -8.45 -11.83
C1' 5GP K . -4.25 -8.23 -10.68
N9 5GP K . -5.14 -7.10 -10.26
C8 5GP K . -5.36 -6.62 -9.03
N7 5GP K . -6.22 -5.60 -9.11
C5 5GP K . -6.53 -5.42 -10.38
C6 5GP K . -7.35 -4.53 -11.06
O6 5GP K . -8.00 -3.64 -10.49
N1 5GP K . -7.46 -4.64 -12.43
C2 5GP K . -6.73 -5.62 -13.13
N2 5GP K . -6.86 -5.70 -14.44
N3 5GP K . -5.95 -6.48 -12.46
C4 5GP K . -5.84 -6.39 -11.11
C1 EDO L . 14.43 4.18 -4.20
O1 EDO L . 15.86 4.24 -4.05
C2 EDO L . 13.90 2.94 -3.49
O2 EDO L . 14.33 1.76 -4.15
#